data_8IGD
#
_entry.id   8IGD
#
_cell.length_a   93.940
_cell.length_b   93.940
_cell.length_c   102.810
_cell.angle_alpha   90.000
_cell.angle_beta   90.000
_cell.angle_gamma   90.000
#
_symmetry.space_group_name_H-M   'I 4'
#
loop_
_entity.id
_entity.type
_entity.pdbx_description
1 polymer 'Double-stranded RNA-binding domain (DsRBD)-containing protein'
2 polymer 'Double-stranded RNA-binding protein 4'
3 water water
#
loop_
_entity_poly.entity_id
_entity_poly.type
_entity_poly.pdbx_seq_one_letter_code
_entity_poly.pdbx_strand_id
1 'polypeptide(L)'
;GAMTTEPTTEEETQRSSAKSQLYNLCSVRHWKAPLYEYIAEGPCHMKIFTGKVTVEMKEDSRITVLECFGNPQYKKKIAA
EQAAEAALWYLKNVGLE
;
A,B
2 'polypeptide(L)' METSSCVVDESEKKKLIMGTGHLSIPTGQHVVCRPWNPEITLPQDAEMLFRDDKFIAYRLVKPLEHHHHHH C,D
#
# COMPACT_ATOMS: atom_id res chain seq x y z
N SER A 16 6.03 -23.62 4.21
CA SER A 16 5.36 -22.42 4.75
C SER A 16 5.84 -21.11 4.08
N SER A 17 4.91 -20.23 3.68
CA SER A 17 5.30 -19.04 2.94
C SER A 17 5.87 -17.97 3.88
N ALA A 18 6.78 -17.15 3.33
CA ALA A 18 7.33 -16.04 4.10
C ALA A 18 6.27 -15.01 4.46
N LYS A 19 5.24 -14.87 3.62
CA LYS A 19 4.13 -13.96 3.92
C LYS A 19 3.41 -14.37 5.19
N SER A 20 3.18 -15.68 5.35
CA SER A 20 2.49 -16.17 6.55
C SER A 20 3.40 -16.16 7.77
N GLN A 21 4.67 -16.58 7.62
CA GLN A 21 5.63 -16.50 8.72
C GLN A 21 5.69 -15.10 9.29
N LEU A 22 5.67 -14.06 8.43
CA LEU A 22 5.71 -12.69 8.93
C LEU A 22 4.42 -12.34 9.66
N TYR A 23 3.30 -12.90 9.22
CA TYR A 23 2.03 -12.68 9.92
C TYR A 23 2.06 -13.32 11.30
N ASN A 24 2.53 -14.58 11.35
CA ASN A 24 2.62 -15.28 12.61
C ASN A 24 3.52 -14.53 13.58
N LEU A 25 4.76 -14.25 13.16
CA LEU A 25 5.68 -13.46 13.99
C LEU A 25 4.99 -12.20 14.52
N CYS A 26 4.16 -11.56 13.71
CA CYS A 26 3.63 -10.27 14.10
C CYS A 26 2.58 -10.40 15.21
N SER A 27 1.69 -11.39 15.11
CA SER A 27 0.74 -11.57 16.20
C SER A 27 1.43 -12.08 17.47
N VAL A 28 2.27 -13.11 17.33
CA VAL A 28 3.01 -13.70 18.45
C VAL A 28 3.69 -12.64 19.31
N ARG A 29 4.11 -11.53 18.69
CA ARG A 29 4.70 -10.42 19.43
C ARG A 29 3.73 -9.31 19.72
N HIS A 30 2.43 -9.52 19.50
CA HIS A 30 1.39 -8.51 19.80
C HIS A 30 1.61 -7.24 18.98
N TRP A 31 1.87 -7.42 17.69
CA TRP A 31 2.14 -6.34 16.74
C TRP A 31 0.96 -6.18 15.79
N LYS A 32 0.80 -4.97 15.23
CA LYS A 32 -0.15 -4.77 14.14
C LYS A 32 0.20 -5.66 12.96
N ALA A 33 -0.83 -6.23 12.33
CA ALA A 33 -0.62 -7.07 11.16
C ALA A 33 0.10 -6.28 10.07
N PRO A 34 1.01 -6.90 9.33
CA PRO A 34 1.80 -6.14 8.36
C PRO A 34 0.95 -5.70 7.17
N LEU A 35 1.23 -4.49 6.67
CA LEU A 35 0.48 -3.92 5.54
C LEU A 35 1.30 -4.00 4.26
N TYR A 36 0.65 -4.44 3.18
CA TYR A 36 1.30 -4.61 1.88
C TYR A 36 0.76 -3.58 0.88
N GLU A 37 1.66 -2.85 0.23
CA GLU A 37 1.36 -1.95 -0.88
C GLU A 37 2.15 -2.42 -2.13
N TYR A 38 2.05 -1.67 -3.24
CA TYR A 38 2.74 -2.08 -4.45
C TYR A 38 3.08 -0.88 -5.33
N ILE A 39 4.36 -0.71 -5.69
CA ILE A 39 4.71 0.22 -6.78
C ILE A 39 4.60 -0.53 -8.11
N ALA A 40 4.02 0.13 -9.11
CA ALA A 40 3.80 -0.45 -10.42
C ALA A 40 4.47 0.42 -11.45
N GLU A 41 5.38 -0.16 -12.24
CA GLU A 41 6.11 0.58 -13.26
C GLU A 41 5.94 -0.07 -14.61
N GLY A 42 6.08 0.76 -15.66
CA GLY A 42 6.04 0.30 -17.03
C GLY A 42 4.84 0.78 -17.83
N PRO A 43 4.91 0.62 -19.16
CA PRO A 43 3.73 0.85 -20.00
C PRO A 43 2.64 -0.15 -19.65
N CYS A 44 1.43 0.10 -20.16
CA CYS A 44 0.28 -0.67 -19.67
C CYS A 44 0.36 -2.15 -20.06
N HIS A 45 1.06 -2.45 -21.16
CA HIS A 45 1.17 -3.82 -21.66
C HIS A 45 2.30 -4.60 -20.99
N MET A 46 3.09 -3.97 -20.12
CA MET A 46 4.08 -4.67 -19.28
C MET A 46 4.20 -3.93 -17.95
N LYS A 47 3.48 -4.40 -16.92
CA LYS A 47 3.60 -3.83 -15.57
C LYS A 47 4.44 -4.76 -14.69
N ILE A 48 5.52 -4.24 -14.10
CA ILE A 48 6.27 -4.92 -13.04
C ILE A 48 5.84 -4.34 -11.70
N PHE A 49 5.77 -5.19 -10.69
CA PHE A 49 5.33 -4.79 -9.36
C PHE A 49 6.45 -4.98 -8.36
N THR A 50 6.60 -3.97 -7.49
CA THR A 50 7.53 -4.04 -6.37
C THR A 50 6.70 -4.13 -5.09
N GLY A 51 6.98 -5.17 -4.29
CA GLY A 51 6.25 -5.33 -3.04
C GLY A 51 6.83 -4.43 -1.96
N LYS A 52 5.94 -3.82 -1.19
CA LYS A 52 6.35 -3.08 -0.01
C LYS A 52 5.52 -3.61 1.15
N VAL A 53 6.19 -3.99 2.21
CA VAL A 53 5.52 -4.44 3.42
C VAL A 53 5.95 -3.52 4.54
N THR A 54 5.02 -3.11 5.38
CA THR A 54 5.35 -2.31 6.55
C THR A 54 5.05 -3.10 7.80
N VAL A 55 6.04 -3.20 8.69
CA VAL A 55 5.88 -3.80 10.01
C VAL A 55 6.17 -2.74 11.06
N GLU A 56 5.27 -2.64 12.02
CA GLU A 56 5.39 -1.70 13.13
C GLU A 56 6.00 -2.45 14.30
N MET A 57 7.31 -2.29 14.48
CA MET A 57 8.04 -3.02 15.53
C MET A 57 7.82 -2.32 16.87
N LYS A 58 7.17 -3.03 17.79
CA LYS A 58 6.94 -2.54 19.15
C LYS A 58 7.93 -3.23 20.10
N GLU A 59 8.85 -2.44 20.68
CA GLU A 59 9.84 -2.95 21.61
C GLU A 59 9.79 -2.13 22.89
N ASP A 60 9.39 -2.76 24.00
CA ASP A 60 9.25 -2.08 25.29
C ASP A 60 8.48 -0.77 25.11
N SER A 61 7.26 -0.92 24.59
CA SER A 61 6.22 0.10 24.46
C SER A 61 6.54 1.22 23.44
N ARG A 62 7.69 1.18 22.78
CA ARG A 62 8.03 2.15 21.74
C ARG A 62 8.06 1.47 20.37
N ILE A 63 7.84 2.25 19.31
CA ILE A 63 7.58 1.72 17.97
C ILE A 63 8.70 2.15 17.02
N THR A 64 9.26 1.17 16.31
CA THR A 64 10.12 1.41 15.15
C THR A 64 9.42 0.86 13.91
N VAL A 65 9.36 1.65 12.86
CA VAL A 65 8.68 1.26 11.63
C VAL A 65 9.68 0.58 10.70
N LEU A 66 9.33 -0.62 10.26
CA LEU A 66 10.14 -1.39 9.32
C LEU A 66 9.45 -1.41 7.96
N GLU A 67 10.12 -0.85 6.95
CA GLU A 67 9.60 -0.84 5.59
C GLU A 67 10.48 -1.71 4.72
N CYS A 68 9.92 -2.76 4.14
CA CYS A 68 10.74 -3.67 3.35
C CYS A 68 10.21 -3.82 1.94
N PHE A 69 11.13 -3.78 0.98
CA PHE A 69 10.85 -4.00 -0.42
C PHE A 69 11.48 -5.30 -0.86
N GLY A 70 10.92 -5.88 -1.93
CA GLY A 70 11.57 -6.92 -2.70
C GLY A 70 12.03 -6.38 -4.03
N ASN A 71 12.41 -7.31 -4.91
CA ASN A 71 12.68 -6.96 -6.29
C ASN A 71 11.37 -6.81 -7.08
N PRO A 72 11.40 -6.14 -8.22
CA PRO A 72 10.22 -6.13 -9.11
C PRO A 72 9.92 -7.52 -9.65
N GLN A 73 8.67 -7.91 -9.53
CA GLN A 73 8.17 -9.15 -10.10
C GLN A 73 7.01 -8.83 -11.03
N TYR A 74 6.65 -9.78 -11.88
CA TYR A 74 5.52 -9.59 -12.78
C TYR A 74 4.18 -9.87 -12.08
N LYS A 75 4.20 -10.63 -10.97
CA LYS A 75 3.01 -10.97 -10.20
C LYS A 75 3.08 -10.33 -8.81
N LYS A 76 2.09 -9.50 -8.47
CA LYS A 76 1.98 -8.93 -7.12
C LYS A 76 2.27 -9.99 -6.05
N LYS A 77 1.71 -11.20 -6.20
CA LYS A 77 1.89 -12.21 -5.16
C LYS A 77 3.36 -12.55 -4.97
N ILE A 78 4.08 -12.76 -6.06
CA ILE A 78 5.49 -13.04 -5.90
C ILE A 78 6.19 -11.81 -5.34
N ALA A 79 5.79 -10.62 -5.76
CA ALA A 79 6.43 -9.40 -5.27
C ALA A 79 6.19 -9.19 -3.78
N ALA A 80 4.97 -9.49 -3.30
CA ALA A 80 4.72 -9.32 -1.86
C ALA A 80 5.45 -10.39 -1.04
N GLU A 81 5.46 -11.64 -1.51
CA GLU A 81 6.26 -12.68 -0.88
C GLU A 81 7.70 -12.23 -0.67
N GLN A 82 8.32 -11.68 -1.71
CA GLN A 82 9.71 -11.27 -1.55
C GLN A 82 9.84 -10.10 -0.59
N ALA A 83 8.88 -9.18 -0.54
CA ALA A 83 8.96 -8.14 0.48
C ALA A 83 8.95 -8.75 1.88
N ALA A 84 7.99 -9.65 2.14
CA ALA A 84 7.95 -10.36 3.41
C ALA A 84 9.30 -11.00 3.71
N GLU A 85 9.84 -11.68 2.71
CA GLU A 85 11.12 -12.36 2.89
C GLU A 85 12.22 -11.40 3.31
N ALA A 86 12.18 -10.16 2.82
CA ALA A 86 13.15 -9.16 3.27
C ALA A 86 12.91 -8.80 4.73
N ALA A 87 11.67 -8.50 5.12
CA ALA A 87 11.33 -8.23 6.51
C ALA A 87 11.82 -9.33 7.46
N LEU A 88 11.56 -10.60 7.09
CA LEU A 88 12.06 -11.72 7.88
C LEU A 88 13.57 -11.68 8.00
N TRP A 89 14.27 -11.47 6.88
CA TRP A 89 15.72 -11.38 6.94
C TRP A 89 16.13 -10.39 8.02
N TYR A 90 15.54 -9.20 8.01
CA TYR A 90 15.94 -8.17 8.97
C TYR A 90 15.57 -8.57 10.40
N LEU A 91 14.43 -9.23 10.56
CA LEU A 91 13.96 -9.52 11.91
C LEU A 91 14.78 -10.65 12.53
N LYS A 92 15.15 -11.65 11.72
CA LYS A 92 16.09 -12.67 12.18
C LYS A 92 17.42 -12.05 12.59
N ASN A 93 17.94 -11.12 11.80
CA ASN A 93 19.25 -10.54 12.09
C ASN A 93 19.25 -9.71 13.38
N VAL A 94 18.08 -9.31 13.86
CA VAL A 94 17.96 -8.61 15.14
C VAL A 94 17.34 -9.55 16.20
N GLY A 95 17.45 -10.85 15.98
CA GLY A 95 17.09 -11.86 16.95
C GLY A 95 15.62 -11.98 17.30
N LEU A 96 14.78 -12.29 16.31
CA LEU A 96 13.33 -12.39 16.49
C LEU A 96 12.80 -13.57 15.67
N GLU A 97 11.60 -14.05 16.03
CA GLU A 97 10.93 -15.13 15.27
C GLU A 97 9.40 -15.17 15.52
N SER B 16 -7.44 14.09 11.91
CA SER B 16 -7.12 12.74 11.48
C SER B 16 -6.60 12.68 10.03
N SER B 17 -7.08 11.72 9.25
CA SER B 17 -6.44 11.41 7.96
C SER B 17 -7.29 10.42 7.16
N ALA B 18 -7.34 10.62 5.84
CA ALA B 18 -8.19 9.80 4.98
C ALA B 18 -7.72 8.35 4.95
N LYS B 19 -6.41 8.12 4.90
CA LYS B 19 -5.90 6.75 4.83
C LYS B 19 -6.33 5.97 6.05
N SER B 20 -6.18 6.56 7.24
CA SER B 20 -6.56 5.87 8.47
C SER B 20 -8.07 5.71 8.57
N GLN B 21 -8.82 6.78 8.27
CA GLN B 21 -10.27 6.68 8.28
C GLN B 21 -10.76 5.54 7.41
N LEU B 22 -10.14 5.34 6.24
CA LEU B 22 -10.56 4.25 5.37
C LEU B 22 -10.07 2.90 5.87
N TYR B 23 -8.87 2.87 6.50
CA TYR B 23 -8.40 1.66 7.15
C TYR B 23 -9.31 1.31 8.32
N ASN B 24 -9.65 2.31 9.12
CA ASN B 24 -10.60 2.12 10.21
C ASN B 24 -11.89 1.48 9.69
N LEU B 25 -12.53 2.13 8.72
CA LEU B 25 -13.80 1.66 8.18
C LEU B 25 -13.78 0.17 7.83
N CYS B 26 -12.74 -0.31 7.14
CA CYS B 26 -12.71 -1.72 6.74
C CYS B 26 -12.48 -2.65 7.91
N SER B 27 -12.05 -2.13 9.06
CA SER B 27 -11.96 -2.92 10.29
C SER B 27 -13.27 -2.96 11.06
N VAL B 28 -14.01 -1.86 11.06
CA VAL B 28 -15.30 -1.81 11.76
C VAL B 28 -16.31 -2.72 11.05
N ARG B 29 -16.43 -2.59 9.74
CA ARG B 29 -16.96 -3.70 8.97
C ARG B 29 -15.87 -4.74 8.82
N HIS B 30 -16.21 -5.96 8.43
CA HIS B 30 -15.23 -7.04 8.45
C HIS B 30 -14.72 -7.33 7.04
N TRP B 31 -14.10 -6.29 6.47
CA TRP B 31 -13.56 -6.30 5.12
C TRP B 31 -12.04 -6.40 5.17
N LYS B 32 -11.46 -6.84 4.05
CA LYS B 32 -10.01 -6.88 3.91
C LYS B 32 -9.39 -5.52 4.24
N ALA B 33 -8.10 -5.49 4.48
CA ALA B 33 -7.45 -4.20 4.53
C ALA B 33 -7.38 -3.63 3.11
N PRO B 34 -7.49 -2.31 2.97
CA PRO B 34 -7.33 -1.70 1.65
C PRO B 34 -5.93 -1.91 1.07
N LEU B 35 -5.89 -2.11 -0.26
CA LEU B 35 -4.67 -2.39 -1.02
C LEU B 35 -4.28 -1.12 -1.77
N TYR B 36 -3.29 -0.40 -1.25
CA TYR B 36 -2.75 0.75 -1.95
C TYR B 36 -1.70 0.31 -2.97
N GLU B 37 -1.66 1.03 -4.09
CA GLU B 37 -0.85 0.68 -5.25
C GLU B 37 -0.52 1.99 -5.94
N TYR B 38 0.76 2.25 -6.20
CA TYR B 38 1.23 3.49 -6.81
C TYR B 38 1.68 3.18 -8.22
N ILE B 39 1.09 3.84 -9.22
CA ILE B 39 1.46 3.63 -10.62
C ILE B 39 2.44 4.71 -11.06
N ALA B 40 3.61 4.30 -11.54
CA ALA B 40 4.54 5.24 -12.15
C ALA B 40 3.99 5.72 -13.48
N GLU B 41 4.06 7.02 -13.71
CA GLU B 41 3.52 7.62 -14.92
C GLU B 41 4.54 7.84 -16.01
N GLY B 42 5.81 7.50 -15.75
CA GLY B 42 6.86 7.49 -16.74
C GLY B 42 8.11 6.91 -16.11
N PRO B 43 9.19 6.77 -16.89
CA PRO B 43 10.39 6.06 -16.39
C PRO B 43 11.44 6.88 -15.67
N CYS B 44 11.38 8.22 -15.72
CA CYS B 44 12.48 9.06 -15.29
C CYS B 44 12.34 9.49 -13.83
N HIS B 45 13.47 9.66 -13.15
CA HIS B 45 13.56 9.50 -11.68
C HIS B 45 13.35 10.75 -10.83
N LYS B 47 10.06 10.78 -10.73
CA LYS B 47 8.92 9.89 -11.02
C LYS B 47 7.64 10.39 -10.40
N ILE B 48 6.56 10.28 -11.18
CA ILE B 48 5.23 10.73 -10.78
C ILE B 48 4.35 9.52 -10.58
N PHE B 49 3.45 9.61 -9.60
CA PHE B 49 2.65 8.46 -9.22
C PHE B 49 1.17 8.84 -9.12
N THR B 50 0.33 7.94 -9.58
CA THR B 50 -1.08 7.97 -9.25
C THR B 50 -1.34 6.91 -8.19
N GLY B 51 -2.00 7.32 -7.10
CA GLY B 51 -2.36 6.35 -6.07
C GLY B 51 -3.63 5.61 -6.46
N LYS B 52 -3.68 4.34 -6.07
CA LYS B 52 -4.85 3.50 -6.32
C LYS B 52 -5.10 2.67 -5.07
N VAL B 53 -6.30 2.81 -4.50
CA VAL B 53 -6.72 1.96 -3.39
C VAL B 53 -7.81 1.03 -3.90
N THR B 54 -7.82 -0.21 -3.42
CA THR B 54 -8.82 -1.21 -3.81
C THR B 54 -9.50 -1.74 -2.56
N VAL B 55 -10.78 -1.41 -2.39
CA VAL B 55 -11.61 -1.89 -1.29
C VAL B 55 -12.47 -3.05 -1.78
N GLU B 56 -12.66 -4.05 -0.91
CA GLU B 56 -13.53 -5.19 -1.22
C GLU B 56 -14.72 -5.11 -0.25
N MET B 57 -15.81 -4.49 -0.71
CA MET B 57 -16.98 -4.28 0.13
C MET B 57 -17.85 -5.53 0.21
N LYS B 58 -18.47 -5.75 1.39
CA LYS B 58 -19.34 -6.90 1.62
C LYS B 58 -20.66 -6.45 2.26
N GLU B 59 -21.71 -7.27 2.05
CA GLU B 59 -23.09 -6.95 2.47
C GLU B 59 -23.35 -7.23 3.95
N SER B 61 -21.84 -11.52 3.14
CA SER B 61 -22.71 -11.94 2.03
C SER B 61 -22.05 -12.01 0.63
N ARG B 62 -21.81 -10.87 0.00
CA ARG B 62 -21.25 -10.83 -1.36
C ARG B 62 -20.23 -9.69 -1.49
N ILE B 63 -19.33 -9.84 -2.47
CA ILE B 63 -18.16 -8.97 -2.62
C ILE B 63 -18.41 -7.96 -3.74
N THR B 64 -18.28 -6.67 -3.41
CA THR B 64 -18.27 -5.61 -4.42
C THR B 64 -16.93 -4.92 -4.40
N VAL B 65 -16.24 -4.94 -5.55
CA VAL B 65 -14.87 -4.42 -5.65
C VAL B 65 -14.91 -2.93 -5.98
N LEU B 66 -14.24 -2.14 -5.15
CA LEU B 66 -14.11 -0.69 -5.33
C LEU B 66 -12.65 -0.33 -5.56
N GLU B 67 -12.30 0.12 -6.78
CA GLU B 67 -10.98 0.70 -7.08
C GLU B 67 -11.10 2.23 -7.23
N CYS B 68 -10.35 2.98 -6.43
CA CYS B 68 -10.33 4.43 -6.48
C CYS B 68 -8.94 4.99 -6.78
N PHE B 69 -8.90 6.18 -7.37
CA PHE B 69 -7.66 6.86 -7.74
C PHE B 69 -7.60 8.25 -7.14
N GLY B 70 -6.39 8.77 -7.03
CA GLY B 70 -6.17 10.17 -6.75
C GLY B 70 -5.61 10.89 -7.95
N ASN B 71 -5.05 12.05 -7.71
CA ASN B 71 -4.37 12.73 -8.80
C ASN B 71 -2.89 12.37 -8.81
N PRO B 72 -2.21 12.53 -9.95
CA PRO B 72 -0.76 12.27 -9.98
C PRO B 72 0.00 13.13 -8.98
N GLN B 73 0.97 12.52 -8.30
CA GLN B 73 1.76 13.21 -7.29
C GLN B 73 3.23 12.84 -7.41
N TYR B 74 4.11 13.75 -6.98
CA TYR B 74 5.51 13.38 -6.71
C TYR B 74 5.67 12.58 -5.42
N LYS B 75 4.77 12.78 -4.46
CA LYS B 75 4.90 12.19 -3.13
C LYS B 75 3.83 11.11 -2.97
N LYS B 76 4.27 9.85 -2.89
CA LYS B 76 3.38 8.72 -2.63
C LYS B 76 2.42 8.95 -1.47
N LYS B 77 2.87 9.57 -0.39
CA LYS B 77 1.96 9.75 0.75
C LYS B 77 0.72 10.53 0.32
N ILE B 78 0.93 11.64 -0.43
CA ILE B 78 -0.17 12.45 -0.92
C ILE B 78 -0.98 11.70 -1.96
N ALA B 79 -0.30 10.92 -2.79
CA ALA B 79 -0.97 10.17 -3.85
C ALA B 79 -1.95 9.15 -3.27
N ALA B 80 -1.56 8.44 -2.20
CA ALA B 80 -2.48 7.47 -1.60
C ALA B 80 -3.55 8.16 -0.75
N GLU B 81 -3.22 9.29 -0.10
CA GLU B 81 -4.22 10.03 0.64
C GLU B 81 -5.37 10.46 -0.29
N GLN B 82 -5.04 11.00 -1.46
CA GLN B 82 -6.07 11.40 -2.42
C GLN B 82 -6.88 10.23 -2.89
N ALA B 83 -6.27 9.04 -3.01
CA ALA B 83 -7.06 7.86 -3.35
C ALA B 83 -8.00 7.46 -2.21
N ALA B 84 -7.59 7.63 -0.96
CA ALA B 84 -8.50 7.32 0.13
C ALA B 84 -9.66 8.31 0.19
N GLU B 85 -9.38 9.59 -0.09
CA GLU B 85 -10.45 10.59 -0.18
C GLU B 85 -11.52 10.12 -1.15
N ALA B 86 -11.10 9.69 -2.32
CA ALA B 86 -12.08 9.30 -3.33
C ALA B 86 -12.88 8.07 -2.89
N ALA B 87 -12.31 7.19 -2.06
CA ALA B 87 -13.10 6.04 -1.63
C ALA B 87 -14.05 6.42 -0.51
N LEU B 88 -13.60 7.31 0.38
CA LEU B 88 -14.49 7.86 1.39
C LEU B 88 -15.68 8.57 0.74
N TRP B 89 -15.43 9.45 -0.23
CA TRP B 89 -16.53 10.12 -0.93
C TRP B 89 -17.53 9.12 -1.49
N TYR B 90 -17.05 8.02 -2.06
CA TYR B 90 -17.98 7.05 -2.61
C TYR B 90 -18.73 6.33 -1.51
N LEU B 91 -18.04 6.05 -0.40
CA LEU B 91 -18.64 5.25 0.66
C LEU B 91 -19.68 6.05 1.46
N LYS B 92 -19.42 7.34 1.71
CA LYS B 92 -20.44 8.22 2.24
C LYS B 92 -21.67 8.25 1.33
N ASN B 93 -21.48 8.27 0.02
CA ASN B 93 -22.62 8.35 -0.85
C ASN B 93 -23.45 7.07 -0.87
N VAL B 94 -22.92 5.97 -0.37
CA VAL B 94 -23.66 4.71 -0.26
C VAL B 94 -23.93 4.36 1.21
N GLY B 95 -23.84 5.35 2.10
CA GLY B 95 -24.30 5.21 3.46
C GLY B 95 -23.41 4.40 4.38
N LEU B 96 -22.33 3.83 3.87
CA LEU B 96 -21.47 3.01 4.72
C LEU B 96 -20.31 3.81 5.30
N GLU B 97 -20.57 4.95 5.96
CA GLU B 97 -19.51 5.58 6.73
C GLU B 97 -19.17 4.70 7.94
N LYS C 14 -29.46 15.33 -15.57
CA LYS C 14 -30.39 14.71 -14.62
C LYS C 14 -29.90 14.86 -13.18
N LYS C 15 -30.03 16.08 -12.64
CA LYS C 15 -29.48 16.44 -11.34
C LYS C 15 -30.47 16.21 -10.19
N LEU C 16 -29.96 15.70 -9.08
CA LEU C 16 -30.71 15.59 -7.83
C LEU C 16 -29.97 16.30 -6.71
N ILE C 17 -30.70 16.65 -5.63
CA ILE C 17 -30.15 17.46 -4.55
C ILE C 17 -29.81 16.64 -3.30
N MET C 18 -30.24 15.40 -3.23
CA MET C 18 -29.78 14.53 -2.11
C MET C 18 -30.28 15.16 -0.80
N GLY C 19 -29.48 15.14 0.26
CA GLY C 19 -29.99 15.18 1.62
C GLY C 19 -29.62 13.88 2.32
N THR C 20 -30.54 13.40 3.16
CA THR C 20 -30.22 12.26 4.01
C THR C 20 -30.31 10.91 3.30
N GLY C 21 -30.72 10.87 2.06
CA GLY C 21 -30.79 9.60 1.36
C GLY C 21 -29.42 9.15 0.89
N HIS C 22 -29.34 7.89 0.50
CA HIS C 22 -28.09 7.27 0.07
C HIS C 22 -28.29 6.60 -1.28
N LEU C 23 -27.15 6.33 -1.93
CA LEU C 23 -27.14 5.59 -3.18
C LEU C 23 -26.99 4.10 -2.90
N SER C 24 -27.31 3.30 -3.90
CA SER C 24 -27.17 1.86 -3.77
C SER C 24 -25.98 1.36 -4.57
N ILE C 25 -25.47 0.21 -4.14
CA ILE C 25 -24.23 -0.37 -4.64
C ILE C 25 -24.58 -1.45 -5.65
N PRO C 26 -24.02 -1.41 -6.87
CA PRO C 26 -24.26 -2.51 -7.82
C PRO C 26 -23.47 -3.74 -7.42
N THR C 27 -24.07 -4.55 -6.53
CA THR C 27 -23.39 -5.69 -5.90
C THR C 27 -22.79 -6.64 -6.92
N GLY C 28 -21.48 -6.87 -6.81
CA GLY C 28 -20.79 -7.82 -7.65
C GLY C 28 -20.18 -7.25 -8.90
N GLN C 29 -20.57 -6.03 -9.29
CA GLN C 29 -19.85 -5.27 -10.29
C GLN C 29 -18.63 -4.59 -9.65
N HIS C 30 -17.75 -4.08 -10.51
CA HIS C 30 -16.55 -3.38 -10.05
C HIS C 30 -16.74 -1.89 -10.30
N VAL C 31 -16.72 -1.14 -9.22
CA VAL C 31 -16.90 0.31 -9.22
C VAL C 31 -15.52 0.94 -9.30
N VAL C 32 -15.42 2.03 -10.04
CA VAL C 32 -14.20 2.84 -10.09
C VAL C 32 -14.57 4.27 -9.71
N CYS C 33 -13.64 4.98 -9.06
CA CYS C 33 -13.84 6.42 -8.85
C CYS C 33 -12.52 7.18 -8.94
N ARG C 34 -12.52 8.19 -9.79
CA ARG C 34 -11.42 9.11 -9.99
C ARG C 34 -11.89 10.51 -9.65
N PRO C 35 -10.97 11.44 -9.44
CA PRO C 35 -11.37 12.86 -9.43
C PRO C 35 -11.95 13.25 -10.77
N TRP C 36 -13.01 14.04 -10.74
CA TRP C 36 -13.71 14.47 -11.94
C TRP C 36 -13.22 15.86 -12.34
N ASN C 37 -13.04 16.03 -13.65
CA ASN C 37 -12.79 17.29 -14.33
C ASN C 37 -13.64 17.25 -15.59
N PRO C 38 -13.98 18.41 -16.15
CA PRO C 38 -14.87 18.41 -17.32
C PRO C 38 -14.30 17.72 -18.57
N GLU C 39 -12.97 17.64 -18.73
CA GLU C 39 -12.36 17.04 -19.91
C GLU C 39 -11.93 15.59 -19.72
N ILE C 40 -12.17 15.01 -18.54
CA ILE C 40 -11.92 13.60 -18.29
C ILE C 40 -12.54 12.78 -19.39
N THR C 41 -11.92 11.67 -19.74
CA THR C 41 -12.48 10.77 -20.72
C THR C 41 -12.42 9.38 -20.10
N LEU C 42 -13.58 8.81 -19.88
CA LEU C 42 -13.69 7.52 -19.22
C LEU C 42 -13.35 6.42 -20.20
N PRO C 43 -13.05 5.22 -19.70
CA PRO C 43 -12.87 4.08 -20.59
C PRO C 43 -14.07 3.83 -21.50
N GLN C 44 -13.82 3.04 -22.54
CA GLN C 44 -14.80 2.83 -23.60
C GLN C 44 -16.03 2.10 -23.07
N ASP C 45 -15.81 0.96 -22.39
CA ASP C 45 -16.82 0.09 -21.83
C ASP C 45 -17.49 0.67 -20.60
N ALA C 46 -17.29 1.96 -20.31
CA ALA C 46 -17.62 2.53 -19.00
C ALA C 46 -19.00 3.16 -19.00
N GLU C 47 -19.63 3.09 -17.83
CA GLU C 47 -20.98 3.63 -17.61
C GLU C 47 -20.98 4.37 -16.28
N MET C 48 -21.12 5.69 -16.36
CA MET C 48 -21.14 6.54 -15.17
C MET C 48 -22.35 6.24 -14.26
N LEU C 49 -22.07 5.96 -12.98
CA LEU C 49 -23.11 5.74 -11.98
C LEU C 49 -23.59 7.05 -11.37
N PHE C 50 -22.68 7.81 -10.80
CA PHE C 50 -22.97 9.16 -10.35
C PHE C 50 -21.68 9.96 -10.35
N ARG C 51 -21.73 11.14 -9.76
CA ARG C 51 -20.86 12.22 -10.18
C ARG C 51 -21.19 13.45 -9.37
N ASP C 52 -20.18 14.24 -9.05
CA ASP C 52 -20.46 15.60 -8.64
C ASP C 52 -19.35 16.50 -9.19
N ASP C 53 -19.10 17.64 -8.55
CA ASP C 53 -18.06 18.51 -9.06
C ASP C 53 -16.67 17.93 -8.82
N LYS C 54 -16.52 17.06 -7.82
CA LYS C 54 -15.21 16.59 -7.38
C LYS C 54 -14.87 15.17 -7.84
N PHE C 55 -15.82 14.24 -7.81
CA PHE C 55 -15.52 12.84 -8.09
C PHE C 55 -16.57 12.25 -9.01
N ILE C 56 -16.23 11.12 -9.62
CA ILE C 56 -17.13 10.41 -10.52
C ILE C 56 -16.98 8.92 -10.26
N ALA C 57 -18.12 8.22 -10.22
CA ALA C 57 -18.18 6.78 -10.03
C ALA C 57 -18.64 6.13 -11.32
N TYR C 58 -18.17 4.91 -11.60
CA TYR C 58 -18.62 4.22 -12.80
C TYR C 58 -18.31 2.72 -12.73
N ARG C 59 -19.02 1.97 -13.58
CA ARG C 59 -18.85 0.54 -13.81
C ARG C 59 -18.28 0.33 -15.22
N LEU C 60 -17.85 -0.90 -15.51
CA LEU C 60 -17.36 -1.24 -16.85
C LEU C 60 -17.99 -2.54 -17.34
N VAL C 61 -18.39 -2.55 -18.62
CA VAL C 61 -18.87 -3.78 -19.26
C VAL C 61 -17.85 -4.24 -20.30
N LYS D 14 33.53 -2.65 8.84
CA LYS D 14 33.43 -3.53 7.68
C LYS D 14 33.20 -4.99 8.14
N LYS D 15 33.82 -5.97 7.48
CA LYS D 15 33.38 -7.37 7.60
C LYS D 15 33.37 -7.84 9.06
N LEU D 16 32.44 -8.77 9.35
CA LEU D 16 32.16 -9.18 10.73
C LEU D 16 31.40 -10.52 10.67
N ILE D 17 32.14 -11.62 10.75
CA ILE D 17 31.52 -12.93 10.86
C ILE D 17 30.67 -12.98 12.12
N MET D 18 29.53 -13.69 12.04
CA MET D 18 28.52 -13.68 13.09
C MET D 18 28.37 -15.09 13.65
N GLY D 19 28.29 -15.17 14.96
CA GLY D 19 28.12 -16.45 15.61
C GLY D 19 26.68 -16.51 16.03
N THR D 20 26.44 -16.41 17.33
CA THR D 20 25.09 -16.38 17.87
C THR D 20 24.71 -15.01 18.42
N GLY D 21 25.39 -13.97 17.97
CA GLY D 21 24.97 -12.63 18.29
C GLY D 21 23.77 -12.20 17.49
N HIS D 22 23.22 -11.06 17.87
CA HIS D 22 22.10 -10.39 17.25
C HIS D 22 22.50 -8.95 16.97
N LEU D 23 21.61 -8.21 16.34
CA LEU D 23 21.81 -6.79 16.14
C LEU D 23 20.75 -6.02 16.91
N SER D 24 21.09 -4.79 17.25
CA SER D 24 20.17 -3.87 17.90
C SER D 24 19.17 -3.31 16.89
N ILE D 25 17.97 -3.02 17.38
CA ILE D 25 17.01 -2.23 16.60
C ILE D 25 17.28 -0.74 16.85
N PRO D 26 17.43 0.09 15.80
CA PRO D 26 17.61 1.53 16.03
C PRO D 26 16.30 2.11 16.53
N THR D 27 15.99 1.86 17.80
CA THR D 27 14.65 2.04 18.36
C THR D 27 14.05 3.41 18.05
N GLY D 28 12.82 3.40 17.52
CA GLY D 28 12.08 4.61 17.26
C GLY D 28 12.39 5.35 15.98
N GLN D 29 13.30 4.85 15.15
CA GLN D 29 13.56 5.53 13.89
C GLN D 29 12.75 4.92 12.75
N HIS D 30 13.27 5.08 11.54
CA HIS D 30 12.61 4.56 10.35
C HIS D 30 13.59 3.68 9.58
N VAL D 31 13.31 2.38 9.55
CA VAL D 31 14.19 1.37 8.97
C VAL D 31 13.61 0.86 7.64
N VAL D 32 14.50 0.64 6.66
CA VAL D 32 14.14 0.23 5.30
C VAL D 32 15.06 -0.92 4.86
N CYS D 33 14.49 -1.95 4.22
CA CYS D 33 15.30 -3.05 3.67
C CYS D 33 14.86 -3.37 2.26
N ARG D 34 15.82 -3.33 1.32
CA ARG D 34 15.59 -3.78 -0.05
C ARG D 34 16.49 -4.98 -0.32
N PRO D 35 16.29 -5.70 -1.42
CA PRO D 35 17.37 -6.56 -1.92
C PRO D 35 18.56 -5.69 -2.28
N TRP D 36 19.75 -6.18 -1.97
CA TRP D 36 20.99 -5.48 -2.28
C TRP D 36 21.55 -5.94 -3.61
N ASN D 37 21.92 -4.98 -4.45
CA ASN D 37 22.60 -5.24 -5.72
C ASN D 37 23.80 -4.31 -5.77
N PRO D 38 24.98 -4.79 -6.18
CA PRO D 38 26.20 -3.95 -6.09
C PRO D 38 26.08 -2.59 -6.77
N GLU D 39 25.24 -2.44 -7.80
CA GLU D 39 25.04 -1.13 -8.42
C GLU D 39 23.72 -0.49 -8.02
N ILE D 40 23.20 -0.83 -6.84
CA ILE D 40 22.10 -0.08 -6.23
C ILE D 40 22.52 1.38 -6.02
N THR D 41 21.51 2.24 -5.82
CA THR D 41 21.75 3.63 -5.45
C THR D 41 20.89 3.96 -4.23
N LEU D 42 21.54 4.37 -3.18
CA LEU D 42 20.71 4.78 -2.06
C LEU D 42 20.34 6.26 -2.16
N PRO D 43 19.20 6.65 -1.60
CA PRO D 43 18.83 8.07 -1.60
C PRO D 43 19.78 8.92 -0.76
N GLN D 44 19.59 10.24 -0.83
CA GLN D 44 20.42 11.20 -0.10
C GLN D 44 20.53 10.83 1.37
N ASP D 45 19.39 10.64 2.03
CA ASP D 45 19.27 10.48 3.47
C ASP D 45 19.63 9.07 3.95
N ALA D 46 19.99 8.18 3.03
CA ALA D 46 20.24 6.79 3.39
C ALA D 46 21.50 6.64 4.22
N GLU D 47 21.38 5.89 5.32
CA GLU D 47 22.50 5.56 6.20
C GLU D 47 22.49 4.04 6.35
N MET D 48 23.38 3.37 5.63
CA MET D 48 23.46 1.91 5.68
C MET D 48 23.68 1.41 7.10
N LEU D 49 22.75 0.58 7.58
CA LEU D 49 22.92 -0.09 8.88
C LEU D 49 23.79 -1.34 8.74
N PHE D 50 23.38 -2.28 7.88
CA PHE D 50 24.14 -3.51 7.67
C PHE D 50 23.56 -4.27 6.50
N ARG D 51 24.35 -5.18 5.94
CA ARG D 51 23.95 -5.92 4.74
C ARG D 51 24.76 -7.20 4.64
N ASP D 52 24.14 -8.27 4.16
CA ASP D 52 24.96 -9.30 3.56
C ASP D 52 24.97 -9.04 2.05
N ASP D 53 25.04 -10.09 1.25
CA ASP D 53 25.04 -9.95 -0.20
C ASP D 53 23.70 -10.36 -0.81
N LYS D 54 22.64 -10.41 0.00
CA LYS D 54 21.29 -10.62 -0.49
C LYS D 54 20.34 -9.49 -0.15
N PHE D 55 20.45 -8.88 1.03
CA PHE D 55 19.65 -7.72 1.40
C PHE D 55 20.51 -6.66 2.05
N ILE D 56 19.92 -5.48 2.23
CA ILE D 56 20.58 -4.33 2.84
C ILE D 56 19.56 -3.63 3.73
N ALA D 57 20.02 -3.08 4.86
CA ALA D 57 19.15 -2.32 5.75
C ALA D 57 19.70 -0.93 5.91
N TYR D 58 18.83 0.07 6.01
CA TYR D 58 19.26 1.44 6.19
C TYR D 58 18.13 2.26 6.81
N ARG D 59 18.42 3.53 7.06
CA ARG D 59 17.49 4.47 7.66
C ARG D 59 17.71 5.83 7.03
N LEU D 60 16.83 6.78 7.37
CA LEU D 60 16.80 8.11 6.78
C LEU D 60 17.25 9.16 7.78
N VAL D 61 17.69 10.32 7.28
CA VAL D 61 18.32 11.31 8.16
C VAL D 61 17.28 12.08 8.98
N LYS D 62 16.23 12.58 8.33
CA LYS D 62 15.28 13.44 9.04
C LYS D 62 14.27 12.62 9.83
#